data_5D91
#
_entry.id   5D91
#
_cell.length_a   48.632
_cell.length_b   94.069
_cell.length_c   103.916
_cell.angle_alpha   90.000
_cell.angle_beta   90.000
_cell.angle_gamma   90.000
#
_symmetry.space_group_name_H-M   'P 21 21 2'
#
loop_
_entity.id
_entity.type
_entity.pdbx_description
1 polymer 'AF2299 protein,Phosphatidylinositol synthase'
2 non-polymer 'SULFATE ION'
3 non-polymer Octadecane
4 non-polymer 'MAGNESIUM ION'
5 water water
#
_entity_poly.entity_id   1
_entity_poly.type   'polypeptide(L)'
_entity_poly.pdbx_seq_one_letter_code
;MRLAYVKNHEIYGEKLLGLTLRERIEKTLQRAGFDVRFFDELSLEEAEDYLIILEPVLILERDLLLEGRKILVSDGFTVG
YFFGGDFRTVFDGNLQSSIEKYLSLNNLESYEIWAIKLSNDNLKTAEKLLLSSLIGSRGLFAAIFLPIARLLADWGVSPD
AVTVVGTLGVMAGALIFYPMGQLFWGTVVITVFVFSDIIDGLMARLLFREGPWGAFLDSYLDRVGDSSVFTGIVIWFFLG
GANPTIAILALICLVLSSLVSYSKARAEGLGLTANVGIAERSERLVVVLVATGLVGLGIPSWVLLVVLIVLAIASVVTIF
QRVLTVREQAKAWTAS
;
_entity_poly.pdbx_strand_id   A
#
loop_
_chem_comp.id
_chem_comp.type
_chem_comp.name
_chem_comp.formula
8K6 non-polymer Octadecane 'C18 H38'
MG non-polymer 'MAGNESIUM ION' 'Mg 2'
SO4 non-polymer 'SULFATE ION' 'O4 S -2'
#
# COMPACT_ATOMS: atom_id res chain seq x y z
N MET A 1 7.92 8.94 24.34
CA MET A 1 7.61 9.91 23.31
C MET A 1 8.92 10.40 22.65
N ARG A 2 8.94 10.34 21.33
CA ARG A 2 10.13 10.74 20.56
C ARG A 2 10.00 12.09 19.85
N LEU A 3 11.04 12.92 19.97
CA LEU A 3 11.03 14.27 19.39
C LEU A 3 12.06 14.45 18.28
N ALA A 4 11.63 15.06 17.18
CA ALA A 4 12.51 15.35 16.06
C ALA A 4 12.47 16.83 15.65
N TYR A 5 13.58 17.52 15.84
CA TYR A 5 13.70 18.92 15.49
C TYR A 5 14.32 19.11 14.09
N VAL A 6 13.54 19.67 13.16
CA VAL A 6 14.05 19.97 11.82
C VAL A 6 14.14 21.48 11.65
N LYS A 7 15.27 21.96 11.14
CA LYS A 7 15.46 23.40 11.01
C LYS A 7 14.70 23.93 9.81
N ASN A 8 14.00 25.05 9.98
CA ASN A 8 13.22 25.62 8.90
C ASN A 8 14.09 26.13 7.74
N HIS A 9 13.61 25.92 6.52
CA HIS A 9 14.34 26.38 5.32
C HIS A 9 13.44 26.96 4.25
N GLU A 10 14.06 27.64 3.29
CA GLU A 10 13.33 28.36 2.25
C GLU A 10 12.70 27.43 1.21
N ILE A 11 13.27 26.26 1.01
CA ILE A 11 12.81 25.38 -0.06
C ILE A 11 11.71 24.39 0.34
N TYR A 12 11.47 24.29 1.64
CA TYR A 12 10.49 23.35 2.15
C TYR A 12 9.08 23.69 1.68
N GLY A 13 8.87 24.94 1.29
CA GLY A 13 7.56 25.38 0.85
C GLY A 13 7.20 24.90 -0.54
N GLU A 14 8.19 24.48 -1.33
CA GLU A 14 7.94 23.98 -2.69
C GLU A 14 7.17 22.66 -2.69
N LYS A 15 6.24 22.51 -3.64
CA LYS A 15 5.40 21.31 -3.74
C LYS A 15 6.01 20.29 -4.68
N LEU A 16 6.15 19.06 -4.21
CA LEU A 16 6.72 18.00 -5.03
C LEU A 16 5.79 16.79 -5.05
N LEU A 17 5.27 16.46 -6.24
CA LEU A 17 4.37 15.33 -6.43
C LEU A 17 3.15 15.38 -5.51
N GLY A 18 2.62 16.58 -5.31
CA GLY A 18 1.35 16.75 -4.60
C GLY A 18 1.40 17.22 -3.15
N LEU A 19 2.49 16.93 -2.46
CA LEU A 19 2.70 17.46 -1.13
C LEU A 19 3.78 18.53 -1.16
N THR A 20 3.96 19.25 -0.05
CA THR A 20 5.15 20.12 0.09
C THR A 20 6.28 19.28 0.63
N LEU A 21 7.51 19.72 0.38
CA LEU A 21 8.70 19.07 0.95
C LEU A 21 8.64 19.10 2.47
N ARG A 22 8.11 20.20 3.00
CA ARG A 22 7.89 20.32 4.43
C ARG A 22 6.96 19.21 4.93
N GLU A 23 5.81 19.09 4.28
CA GLU A 23 4.87 18.03 4.63
C GLU A 23 5.49 16.64 4.49
N ARG A 24 6.34 16.46 3.47
CA ARG A 24 6.94 15.15 3.19
C ARG A 24 7.91 14.71 4.29
N ILE A 25 8.77 15.62 4.73
CA ILE A 25 9.72 15.28 5.79
C ILE A 25 8.97 15.09 7.12
N GLU A 26 7.92 15.88 7.33
CA GLU A 26 7.16 15.77 8.56
C GLU A 26 6.43 14.45 8.66
N LYS A 27 5.79 14.03 7.58
CA LYS A 27 5.07 12.78 7.58
C LYS A 27 5.98 11.56 7.62
N THR A 28 7.13 11.67 6.96
CA THR A 28 8.13 10.62 7.01
C THR A 28 8.57 10.36 8.43
N LEU A 29 8.90 11.44 9.14
CA LEU A 29 9.35 11.31 10.53
C LEU A 29 8.24 10.87 11.47
N GLN A 30 7.01 11.18 11.12
CA GLN A 30 5.88 10.75 11.92
C GLN A 30 5.68 9.25 11.80
N ARG A 31 5.89 8.73 10.59
CA ARG A 31 5.77 7.29 10.37
C ARG A 31 6.87 6.54 11.09
N ALA A 32 7.98 7.24 11.36
CA ALA A 32 9.08 6.67 12.10
C ALA A 32 8.85 6.85 13.60
N GLY A 33 7.69 7.44 13.93
CA GLY A 33 7.31 7.64 15.33
C GLY A 33 7.87 8.84 16.04
N PHE A 34 8.09 9.93 15.30
CA PHE A 34 8.61 11.14 15.89
C PHE A 34 7.61 12.26 15.79
N ASP A 35 7.51 13.06 16.83
CA ASP A 35 6.73 14.29 16.79
C ASP A 35 7.64 15.42 16.32
N VAL A 36 7.24 16.08 15.24
CA VAL A 36 8.10 17.03 14.55
C VAL A 36 7.94 18.50 14.95
N ARG A 37 9.07 19.12 15.31
CA ARG A 37 9.16 20.54 15.64
C ARG A 37 10.05 21.26 14.63
N PHE A 38 9.47 22.19 13.86
CA PHE A 38 10.25 23.03 12.95
C PHE A 38 10.76 24.23 13.73
N PHE A 39 12.06 24.52 13.61
CA PHE A 39 12.64 25.59 14.42
C PHE A 39 13.56 26.53 13.67
N ASP A 40 13.41 27.83 13.92
CA ASP A 40 14.41 28.81 13.52
C ASP A 40 15.55 28.83 14.55
N GLU A 41 15.19 28.69 15.82
CA GLU A 41 16.18 28.54 16.88
C GLU A 41 15.68 27.50 17.88
N LEU A 42 16.53 26.55 18.23
CA LEU A 42 16.10 25.38 18.97
C LEU A 42 15.76 25.64 20.44
N SER A 43 14.58 25.16 20.84
CA SER A 43 14.21 25.07 22.25
C SER A 43 13.95 23.61 22.55
N LEU A 44 14.82 23.04 23.39
CA LEU A 44 14.81 21.61 23.63
C LEU A 44 13.77 21.22 24.70
N GLU A 45 13.11 20.09 24.48
CA GLU A 45 12.12 19.59 25.44
C GLU A 45 12.64 18.26 26.04
N GLU A 46 12.18 17.92 27.24
CA GLU A 46 12.57 16.67 27.88
C GLU A 46 11.96 15.48 27.15
N ALA A 47 12.79 14.53 26.75
CA ALA A 47 12.32 13.38 25.97
C ALA A 47 13.36 12.26 25.99
N GLU A 48 13.13 11.23 25.18
CA GLU A 48 14.04 10.10 25.10
C GLU A 48 15.02 10.24 23.94
N ASP A 49 14.47 10.17 22.73
CA ASP A 49 15.25 10.29 21.50
C ASP A 49 15.26 11.72 20.97
N TYR A 50 16.41 12.16 20.49
CA TYR A 50 16.51 13.48 19.88
C TYR A 50 17.09 13.37 18.47
N LEU A 51 16.27 13.74 17.49
CA LEU A 51 16.65 13.73 16.10
C LEU A 51 16.73 15.13 15.53
N ILE A 52 17.96 15.58 15.23
CA ILE A 52 18.17 16.93 14.75
C ILE A 52 18.51 16.99 13.27
N ILE A 53 17.63 17.57 12.46
CA ILE A 53 17.93 17.73 11.04
C ILE A 53 18.18 19.21 10.72
N LEU A 54 19.33 19.48 10.10
CA LEU A 54 19.73 20.85 9.77
C LEU A 54 19.56 21.18 8.30
N GLU A 55 20.34 20.54 7.43
CA GLU A 55 20.24 20.76 6.00
C GLU A 55 18.88 20.32 5.47
N PRO A 56 18.33 21.05 4.49
CA PRO A 56 17.07 20.64 3.85
C PRO A 56 17.24 19.29 3.15
N VAL A 57 16.35 18.35 3.42
CA VAL A 57 16.55 16.99 2.93
C VAL A 57 15.25 16.27 2.59
N LEU A 58 15.28 15.52 1.49
CA LEU A 58 14.19 14.64 1.13
C LEU A 58 14.59 13.22 1.47
N ILE A 59 13.94 12.63 2.47
CA ILE A 59 14.27 11.27 2.87
C ILE A 59 13.52 10.28 2.01
N LEU A 60 14.25 9.47 1.26
CA LEU A 60 13.61 8.55 0.34
C LEU A 60 13.40 7.17 0.95
N GLU A 61 13.99 6.93 2.11
CA GLU A 61 13.88 5.61 2.72
C GLU A 61 12.50 5.38 3.30
N ARG A 62 11.93 4.21 3.03
CA ARG A 62 10.56 3.91 3.42
C ARG A 62 10.46 3.71 4.94
N ASP A 63 11.03 2.63 5.45
CA ASP A 63 11.04 2.39 6.89
C ASP A 63 12.35 2.85 7.49
N LEU A 64 12.30 3.87 8.33
CA LEU A 64 13.51 4.34 8.98
C LEU A 64 13.52 3.85 10.42
N LEU A 65 14.46 2.95 10.70
CA LEU A 65 14.59 2.37 12.02
C LEU A 65 15.82 2.93 12.72
N LEU A 66 15.59 3.66 13.80
CA LEU A 66 16.69 4.27 14.55
C LEU A 66 16.91 3.55 15.88
N GLU A 67 18.02 2.84 15.98
CA GLU A 67 18.37 2.12 17.19
C GLU A 67 19.75 2.53 17.67
N GLY A 68 19.80 3.18 18.83
CA GLY A 68 21.05 3.65 19.39
C GLY A 68 21.51 4.93 18.73
N ARG A 69 22.43 5.61 19.41
CA ARG A 69 23.02 6.86 18.92
C ARG A 69 23.87 6.66 17.67
N LYS A 70 23.88 7.67 16.79
CA LYS A 70 24.60 7.62 15.50
C LYS A 70 24.46 8.94 14.75
N ILE A 71 25.25 9.08 13.67
CA ILE A 71 25.15 10.22 12.78
C ILE A 71 24.52 9.78 11.45
N LEU A 72 23.48 10.47 11.04
CA LEU A 72 22.77 10.11 9.81
C LEU A 72 23.41 10.74 8.58
N VAL A 73 23.88 9.90 7.67
CA VAL A 73 24.55 10.35 6.47
C VAL A 73 24.01 9.68 5.20
N SER A 74 24.00 10.43 4.10
CA SER A 74 23.66 9.87 2.80
C SER A 74 24.69 10.31 1.76
N ASP A 75 25.45 9.36 1.24
CA ASP A 75 26.48 9.62 0.21
C ASP A 75 27.44 10.77 0.51
N GLY A 76 27.92 10.86 1.75
CA GLY A 76 28.90 11.86 2.13
C GLY A 76 28.28 13.08 2.79
N PHE A 77 27.01 13.31 2.50
CA PHE A 77 26.26 14.39 3.12
C PHE A 77 25.95 14.00 4.57
N THR A 78 26.04 14.95 5.48
CA THR A 78 25.53 14.75 6.82
C THR A 78 24.19 15.44 6.88
N VAL A 79 23.13 14.64 6.85
CA VAL A 79 21.77 15.14 6.75
C VAL A 79 21.18 15.56 8.10
N GLY A 80 21.58 14.89 9.17
CA GLY A 80 21.07 15.20 10.50
C GLY A 80 21.72 14.37 11.59
N TYR A 81 21.46 14.76 12.83
CA TYR A 81 22.03 14.03 13.95
C TYR A 81 20.96 13.31 14.79
N PHE A 82 21.33 12.15 15.33
CA PHE A 82 20.51 11.46 16.30
C PHE A 82 21.23 11.38 17.64
N PHE A 83 20.77 12.14 18.62
CA PHE A 83 21.38 12.18 19.95
C PHE A 83 20.48 11.53 20.98
N GLY A 84 21.07 10.97 22.02
CA GLY A 84 20.30 10.38 23.11
C GLY A 84 19.87 11.41 24.13
N GLY A 85 19.39 10.94 25.27
CA GLY A 85 18.92 11.84 26.32
C GLY A 85 20.03 12.69 26.90
N ASP A 86 21.26 12.21 26.79
CA ASP A 86 22.42 12.91 27.33
C ASP A 86 22.55 14.34 26.81
N PHE A 87 22.10 14.57 25.58
CA PHE A 87 22.19 15.90 24.97
C PHE A 87 21.44 16.99 25.76
N ARG A 88 20.53 16.57 26.63
CA ARG A 88 19.81 17.53 27.47
C ARG A 88 20.76 18.17 28.49
N THR A 89 21.81 17.45 28.83
CA THR A 89 22.78 17.94 29.79
C THR A 89 23.94 18.71 29.14
N VAL A 90 23.89 18.84 27.82
CA VAL A 90 24.93 19.53 27.05
C VAL A 90 24.41 20.88 26.60
N PHE A 91 23.30 20.84 25.86
CA PHE A 91 22.73 22.00 25.19
C PHE A 91 22.49 23.15 26.16
N ASP A 92 23.16 24.27 25.91
CA ASP A 92 23.02 25.45 26.75
C ASP A 92 22.19 26.55 26.09
N GLY A 93 21.63 26.26 24.92
CA GLY A 93 20.84 27.24 24.20
C GLY A 93 21.42 27.75 22.90
N ASN A 94 22.69 27.45 22.64
CA ASN A 94 23.28 27.71 21.34
C ASN A 94 23.42 26.44 20.52
N LEU A 95 23.03 26.50 19.26
CA LEU A 95 22.94 25.30 18.44
C LEU A 95 24.31 24.74 18.04
N GLN A 96 25.06 25.48 17.22
CA GLN A 96 26.35 24.98 16.73
C GLN A 96 27.30 24.59 17.86
N SER A 97 27.33 25.39 18.92
CA SER A 97 28.21 25.14 20.06
C SER A 97 27.90 23.84 20.80
N SER A 98 26.62 23.64 21.11
CA SER A 98 26.20 22.45 21.82
C SER A 98 26.39 21.17 21.03
N ILE A 99 26.24 21.27 19.71
CA ILE A 99 26.46 20.15 18.81
C ILE A 99 27.92 19.68 18.83
N GLU A 100 28.86 20.61 18.62
CA GLU A 100 30.29 20.26 18.58
C GLU A 100 30.83 19.78 19.91
N LYS A 101 30.23 20.25 21.00
CA LYS A 101 30.60 19.80 22.34
C LYS A 101 30.17 18.35 22.53
N TYR A 102 28.96 18.03 22.09
CA TYR A 102 28.42 16.69 22.17
C TYR A 102 29.18 15.74 21.25
N LEU A 103 29.70 16.29 20.14
CA LEU A 103 30.52 15.52 19.20
C LEU A 103 31.93 15.26 19.77
N SER A 104 32.39 16.18 20.61
CA SER A 104 33.68 16.01 21.27
C SER A 104 33.57 15.01 22.43
N LEU A 105 32.39 14.97 23.04
CA LEU A 105 32.12 14.09 24.18
C LEU A 105 31.89 12.64 23.77
N ASN A 106 31.10 12.44 22.71
CA ASN A 106 30.73 11.10 22.27
C ASN A 106 31.29 10.77 20.90
N ASN A 107 31.87 9.59 20.76
CA ASN A 107 32.30 9.13 19.44
C ASN A 107 31.24 8.22 18.84
N LEU A 108 30.56 8.71 17.80
CA LEU A 108 29.48 7.95 17.17
C LEU A 108 29.78 7.67 15.70
N GLU A 109 29.47 6.47 15.23
CA GLU A 109 29.75 6.10 13.84
C GLU A 109 28.65 6.69 12.96
N SER A 110 28.73 6.45 11.66
CA SER A 110 27.77 7.02 10.71
C SER A 110 26.91 5.95 10.06
N TYR A 111 25.59 6.13 10.12
CA TYR A 111 24.66 5.14 9.56
C TYR A 111 24.06 5.67 8.26
N GLU A 112 24.12 4.83 7.22
CA GLU A 112 23.69 5.21 5.87
C GLU A 112 22.20 5.06 5.63
N ILE A 113 21.57 6.15 5.19
CA ILE A 113 20.17 6.13 4.79
C ILE A 113 19.98 6.72 3.40
N TRP A 114 18.82 6.46 2.79
CA TRP A 114 18.56 6.96 1.46
C TRP A 114 17.86 8.31 1.53
N ALA A 115 18.57 9.36 1.13
CA ALA A 115 18.03 10.70 1.18
C ALA A 115 18.78 11.61 0.21
N ILE A 116 18.17 12.73 -0.16
CA ILE A 116 18.82 13.69 -1.04
C ILE A 116 18.69 15.12 -0.49
N LYS A 117 19.79 15.88 -0.49
CA LYS A 117 19.77 17.25 -0.01
C LYS A 117 19.09 18.15 -1.04
N LEU A 118 18.14 18.96 -0.60
CA LEU A 118 17.43 19.86 -1.51
C LEU A 118 18.22 21.09 -1.95
N SER A 119 18.15 21.35 -3.24
CA SER A 119 18.71 22.53 -3.87
C SER A 119 17.70 22.94 -4.94
N ASN A 120 17.72 24.20 -5.34
CA ASN A 120 16.79 24.65 -6.38
C ASN A 120 17.00 23.96 -7.71
N ASP A 121 18.26 23.73 -8.05
CA ASP A 121 18.63 23.09 -9.31
C ASP A 121 18.24 21.63 -9.45
N ASN A 122 18.40 20.84 -8.39
CA ASN A 122 18.20 19.39 -8.49
C ASN A 122 16.78 18.90 -8.22
N LEU A 123 15.80 19.80 -8.10
CA LEU A 123 14.41 19.42 -7.81
C LEU A 123 13.88 18.31 -8.73
N LYS A 124 14.12 18.47 -10.04
CA LYS A 124 13.73 17.45 -11.02
C LYS A 124 14.26 16.08 -10.61
N THR A 125 15.56 16.02 -10.31
CA THR A 125 16.22 14.79 -9.84
C THR A 125 15.51 14.13 -8.67
N ALA A 126 15.27 14.91 -7.62
CA ALA A 126 14.55 14.45 -6.43
C ALA A 126 13.24 13.79 -6.80
N GLU A 127 12.48 14.49 -7.63
CA GLU A 127 11.21 13.98 -8.15
C GLU A 127 11.41 12.59 -8.78
N LYS A 128 12.40 12.51 -9.69
CA LYS A 128 12.76 11.23 -10.33
C LYS A 128 13.04 10.14 -9.29
N LEU A 129 13.93 10.46 -8.34
CA LEU A 129 14.27 9.56 -7.24
C LEU A 129 13.08 9.11 -6.41
N LEU A 130 12.23 10.06 -6.01
CA LEU A 130 11.06 9.77 -5.18
C LEU A 130 10.14 8.75 -5.86
N LEU A 131 9.90 8.95 -7.16
CA LEU A 131 9.07 8.02 -7.93
C LEU A 131 9.67 6.60 -7.92
N SER A 132 10.98 6.51 -8.10
CA SER A 132 11.62 5.20 -8.12
C SER A 132 11.63 4.52 -6.74
N SER A 133 11.45 5.30 -5.68
CA SER A 133 11.45 4.73 -4.33
C SER A 133 10.16 4.01 -4.07
N LEU A 134 9.17 4.27 -4.93
CA LEU A 134 7.82 3.76 -4.76
C LEU A 134 7.73 2.28 -5.17
N ILE A 135 8.59 1.86 -6.07
CA ILE A 135 8.52 0.52 -6.63
C ILE A 135 8.70 -0.56 -5.57
N GLY A 136 9.79 -0.50 -4.84
CA GLY A 136 10.03 -1.39 -3.72
C GLY A 136 9.93 -2.87 -4.06
N SER A 137 10.70 -3.31 -5.04
CA SER A 137 10.82 -4.72 -5.42
C SER A 137 9.54 -5.29 -6.07
N ARG A 138 8.52 -4.45 -6.22
CA ARG A 138 7.28 -4.90 -6.87
C ARG A 138 7.51 -5.30 -8.32
N GLY A 139 8.60 -4.81 -8.94
CA GLY A 139 8.94 -5.22 -10.29
C GLY A 139 8.68 -4.23 -11.42
N LEU A 140 8.86 -4.70 -12.67
CA LEU A 140 8.63 -3.87 -13.84
C LEU A 140 7.17 -3.42 -13.95
N PHE A 141 6.22 -4.29 -13.62
CA PHE A 141 4.79 -3.92 -13.71
C PHE A 141 4.43 -2.71 -12.85
N ALA A 142 5.11 -2.55 -11.73
CA ALA A 142 4.89 -1.36 -10.93
C ALA A 142 5.52 -0.15 -11.59
N ALA A 143 6.70 -0.33 -12.16
CA ALA A 143 7.47 0.78 -12.72
C ALA A 143 6.83 1.43 -13.95
N ILE A 144 6.12 0.64 -14.74
CA ILE A 144 5.52 1.14 -15.98
C ILE A 144 4.36 2.06 -15.69
N PHE A 145 3.80 2.00 -14.49
CA PHE A 145 2.67 2.83 -14.14
C PHE A 145 3.10 4.10 -13.40
N LEU A 146 4.40 4.25 -13.17
CA LEU A 146 4.89 5.46 -12.49
C LEU A 146 4.53 6.79 -13.16
N PRO A 147 4.60 6.89 -14.51
CA PRO A 147 4.16 8.15 -15.12
C PRO A 147 2.68 8.48 -14.89
N ILE A 148 1.81 7.48 -14.87
CA ILE A 148 0.39 7.70 -14.55
C ILE A 148 0.23 8.22 -13.12
N ALA A 149 0.91 7.58 -12.16
CA ALA A 149 0.87 8.02 -10.76
C ALA A 149 1.40 9.45 -10.61
N ARG A 150 2.45 9.77 -11.37
CA ARG A 150 3.02 11.12 -11.35
C ARG A 150 1.99 12.12 -11.85
N LEU A 151 1.34 11.77 -12.95
CA LEU A 151 0.32 12.62 -13.56
C LEU A 151 -0.84 12.88 -12.60
N LEU A 152 -1.32 11.80 -11.98
CA LEU A 152 -2.46 11.89 -11.07
C LEU A 152 -2.11 12.60 -9.78
N ALA A 153 -0.86 12.46 -9.33
CA ALA A 153 -0.43 13.14 -8.12
C ALA A 153 -0.38 14.66 -8.36
N ASP A 154 0.14 15.06 -9.51
CA ASP A 154 0.24 16.48 -9.87
C ASP A 154 -1.12 17.12 -10.05
N TRP A 155 -2.08 16.35 -10.56
CA TRP A 155 -3.40 16.89 -10.83
C TRP A 155 -4.27 17.05 -9.60
N GLY A 156 -3.82 16.55 -8.46
CA GLY A 156 -4.57 16.65 -7.21
C GLY A 156 -5.60 15.56 -7.07
N VAL A 157 -5.43 14.49 -7.86
CA VAL A 157 -6.30 13.33 -7.79
C VAL A 157 -5.95 12.52 -6.56
N SER A 158 -6.99 12.16 -5.79
CA SER A 158 -6.82 11.34 -4.59
C SER A 158 -6.76 9.86 -4.90
N PRO A 159 -6.06 9.09 -4.05
CA PRO A 159 -6.01 7.64 -4.26
C PRO A 159 -7.38 6.96 -4.18
N ASP A 160 -8.27 7.48 -3.32
CA ASP A 160 -9.64 6.94 -3.21
C ASP A 160 -10.40 7.04 -4.52
N ALA A 161 -10.26 8.18 -5.19
CA ALA A 161 -10.90 8.38 -6.47
C ALA A 161 -10.47 7.30 -7.47
N VAL A 162 -9.17 6.99 -7.48
CA VAL A 162 -8.64 5.95 -8.36
C VAL A 162 -9.25 4.60 -8.01
N THR A 163 -9.29 4.28 -6.72
CA THR A 163 -9.88 3.01 -6.28
C THR A 163 -11.34 2.86 -6.72
N VAL A 164 -12.15 3.88 -6.44
CA VAL A 164 -13.55 3.89 -6.79
C VAL A 164 -13.74 3.77 -8.31
N VAL A 165 -12.99 4.57 -9.03
CA VAL A 165 -13.06 4.53 -10.48
C VAL A 165 -12.71 3.11 -10.98
N GLY A 166 -11.67 2.51 -10.40
CA GLY A 166 -11.32 1.16 -10.80
C GLY A 166 -12.46 0.18 -10.58
N THR A 167 -13.11 0.27 -9.41
CA THR A 167 -14.23 -0.60 -9.10
C THR A 167 -15.45 -0.38 -10.01
N LEU A 168 -15.72 0.87 -10.36
CA LEU A 168 -16.84 1.13 -11.25
C LEU A 168 -16.55 0.48 -12.62
N GLY A 169 -15.27 0.44 -13.01
CA GLY A 169 -14.84 -0.19 -14.25
C GLY A 169 -15.07 -1.70 -14.27
N VAL A 170 -14.68 -2.37 -13.18
CA VAL A 170 -14.94 -3.79 -13.04
C VAL A 170 -16.43 -4.09 -13.08
N MET A 171 -17.23 -3.30 -12.37
CA MET A 171 -18.68 -3.50 -12.32
C MET A 171 -19.28 -3.35 -13.70
N ALA A 172 -18.74 -2.41 -14.47
CA ALA A 172 -19.24 -2.18 -15.82
C ALA A 172 -18.97 -3.39 -16.75
N GLY A 173 -17.82 -4.03 -16.59
CA GLY A 173 -17.50 -5.19 -17.40
C GLY A 173 -18.32 -6.39 -16.97
N ALA A 174 -18.45 -6.55 -15.68
CA ALA A 174 -19.09 -7.72 -15.10
C ALA A 174 -20.63 -7.67 -15.18
N LEU A 175 -21.21 -6.53 -14.81
CA LEU A 175 -22.67 -6.40 -14.67
C LEU A 175 -23.37 -5.86 -15.93
N ILE A 176 -22.58 -5.43 -16.90
CA ILE A 176 -23.18 -4.95 -18.14
C ILE A 176 -22.81 -5.90 -19.27
N PHE A 177 -21.50 -5.98 -19.55
CA PHE A 177 -21.04 -6.78 -20.68
C PHE A 177 -21.32 -8.26 -20.51
N TYR A 178 -21.07 -8.80 -19.31
CA TYR A 178 -21.37 -10.23 -19.12
C TYR A 178 -22.84 -10.58 -19.33
N PRO A 179 -23.77 -9.85 -18.69
CA PRO A 179 -25.18 -10.22 -18.96
C PRO A 179 -25.61 -10.05 -20.43
N MET A 180 -24.96 -9.15 -21.17
CA MET A 180 -25.22 -8.99 -22.60
C MET A 180 -24.74 -10.20 -23.39
N GLY A 181 -23.80 -10.95 -22.83
CA GLY A 181 -23.24 -12.09 -23.53
C GLY A 181 -21.88 -11.78 -24.14
N GLN A 182 -21.31 -10.63 -23.79
CA GLN A 182 -19.98 -10.32 -24.30
C GLN A 182 -18.97 -10.68 -23.23
N LEU A 183 -18.44 -11.89 -23.33
CA LEU A 183 -17.52 -12.41 -22.34
C LEU A 183 -16.11 -11.94 -22.63
N PHE A 184 -15.75 -11.92 -23.91
CA PHE A 184 -14.40 -11.48 -24.23
C PHE A 184 -14.22 -10.01 -23.85
N TRP A 185 -15.05 -9.13 -24.41
CA TRP A 185 -14.87 -7.71 -24.13
C TRP A 185 -15.13 -7.36 -22.68
N GLY A 186 -16.06 -8.05 -22.03
CA GLY A 186 -16.28 -7.83 -20.62
C GLY A 186 -15.03 -8.13 -19.83
N THR A 187 -14.37 -9.23 -20.19
CA THR A 187 -13.14 -9.62 -19.54
C THR A 187 -12.00 -8.62 -19.78
N VAL A 188 -11.88 -8.05 -20.97
CA VAL A 188 -10.75 -7.15 -21.15
C VAL A 188 -11.06 -5.87 -20.39
N VAL A 189 -12.34 -5.55 -20.24
CA VAL A 189 -12.73 -4.38 -19.46
C VAL A 189 -12.33 -4.60 -17.98
N ILE A 190 -12.74 -5.75 -17.43
CA ILE A 190 -12.36 -6.09 -16.08
C ILE A 190 -10.88 -6.10 -15.93
N THR A 191 -10.21 -6.76 -16.87
CA THR A 191 -8.75 -6.86 -16.84
C THR A 191 -8.04 -5.50 -16.87
N VAL A 192 -8.51 -4.59 -17.71
CA VAL A 192 -7.91 -3.26 -17.77
C VAL A 192 -8.04 -2.54 -16.43
N PHE A 193 -9.22 -2.54 -15.81
CA PHE A 193 -9.40 -1.76 -14.58
C PHE A 193 -8.96 -2.44 -13.32
N VAL A 194 -8.55 -3.70 -13.42
CA VAL A 194 -8.02 -4.37 -12.26
C VAL A 194 -6.63 -3.79 -11.92
N PHE A 195 -5.85 -3.41 -12.92
CA PHE A 195 -4.54 -2.83 -12.66
C PHE A 195 -4.60 -1.45 -12.00
N SER A 196 -5.78 -0.86 -11.91
CA SER A 196 -5.92 0.41 -11.19
C SER A 196 -5.42 0.26 -9.73
N ASP A 197 -5.42 -0.98 -9.24
CA ASP A 197 -4.90 -1.31 -7.91
C ASP A 197 -3.42 -0.97 -7.82
N ILE A 198 -2.66 -1.25 -8.87
CA ILE A 198 -1.23 -0.95 -8.80
C ILE A 198 -1.02 0.56 -8.79
N ILE A 199 -1.90 1.27 -9.46
CA ILE A 199 -1.90 2.73 -9.46
C ILE A 199 -2.21 3.31 -8.06
N ASP A 200 -3.30 2.88 -7.44
CA ASP A 200 -3.63 3.45 -6.11
C ASP A 200 -2.58 3.08 -5.05
N GLY A 201 -1.93 1.94 -5.23
CA GLY A 201 -0.88 1.50 -4.33
C GLY A 201 0.31 2.43 -4.43
N LEU A 202 0.70 2.74 -5.66
CA LEU A 202 1.77 3.71 -5.90
C LEU A 202 1.42 5.06 -5.30
N MET A 203 0.19 5.49 -5.50
CA MET A 203 -0.23 6.79 -5.02
C MET A 203 -0.38 6.84 -3.53
N ALA A 204 -0.88 5.76 -2.95
CA ALA A 204 -1.04 5.75 -1.52
C ALA A 204 0.33 5.82 -0.85
N ARG A 205 1.32 5.24 -1.49
CA ARG A 205 2.69 5.27 -1.00
C ARG A 205 3.31 6.67 -1.20
N LEU A 206 2.96 7.28 -2.32
CA LEU A 206 3.50 8.58 -2.69
C LEU A 206 2.87 9.72 -1.90
N LEU A 207 1.56 9.65 -1.72
CA LEU A 207 0.81 10.70 -1.02
C LEU A 207 0.65 10.45 0.47
N PHE A 208 1.27 9.38 0.97
CA PHE A 208 1.36 9.12 2.42
C PHE A 208 0.04 8.60 3.02
N ARG A 209 -0.99 8.33 2.21
CA ARG A 209 -2.23 7.84 2.84
C ARG A 209 -2.18 6.33 3.01
N GLU A 210 -1.74 5.88 4.18
CA GLU A 210 -1.70 4.46 4.55
C GLU A 210 -2.75 4.06 5.58
N GLY A 211 -3.57 5.03 5.99
CA GLY A 211 -4.43 4.94 7.16
C GLY A 211 -5.50 3.84 7.12
N PRO A 212 -6.19 3.63 8.25
CA PRO A 212 -7.24 2.61 8.40
C PRO A 212 -8.35 2.78 7.36
N TRP A 213 -8.65 4.02 6.97
CA TRP A 213 -9.67 4.22 5.95
C TRP A 213 -9.23 3.67 4.60
N GLY A 214 -7.99 3.94 4.23
CA GLY A 214 -7.45 3.47 2.98
C GLY A 214 -7.53 1.97 2.90
N ALA A 215 -7.05 1.32 3.96
CA ALA A 215 -7.10 -0.14 4.06
C ALA A 215 -8.56 -0.64 3.98
N PHE A 216 -9.44 -0.01 4.74
CA PHE A 216 -10.83 -0.39 4.71
C PHE A 216 -11.38 -0.35 3.31
N LEU A 217 -11.21 0.77 2.63
CA LEU A 217 -11.78 0.95 1.31
C LEU A 217 -11.25 -0.06 0.27
N ASP A 218 -9.92 -0.25 0.24
N ASP A 218 -9.93 -0.26 0.25
CA ASP A 218 -9.29 -1.28 -0.58
CA ASP A 218 -9.32 -1.28 -0.59
C ASP A 218 -9.89 -2.68 -0.37
C ASP A 218 -9.95 -2.66 -0.37
N SER A 219 -9.99 -3.13 0.89
CA SER A 219 -10.65 -4.41 1.18
C SER A 219 -12.08 -4.45 0.68
N TYR A 220 -12.86 -3.44 1.03
CA TYR A 220 -14.28 -3.42 0.69
C TYR A 220 -14.55 -3.41 -0.82
N LEU A 221 -13.92 -2.48 -1.54
CA LEU A 221 -14.14 -2.36 -2.97
C LEU A 221 -13.62 -3.59 -3.71
N ASP A 222 -12.66 -4.30 -3.11
CA ASP A 222 -12.15 -5.53 -3.71
C ASP A 222 -13.26 -6.58 -3.64
N ARG A 223 -13.93 -6.66 -2.48
CA ARG A 223 -15.09 -7.54 -2.31
C ARG A 223 -16.20 -7.25 -3.31
N VAL A 224 -16.56 -5.98 -3.45
CA VAL A 224 -17.56 -5.57 -4.43
C VAL A 224 -17.15 -6.03 -5.83
N GLY A 225 -15.89 -5.83 -6.18
CA GLY A 225 -15.41 -6.24 -7.47
C GLY A 225 -15.53 -7.74 -7.75
N ASP A 226 -15.03 -8.58 -6.85
CA ASP A 226 -15.07 -10.04 -7.08
C ASP A 226 -16.49 -10.58 -7.16
N SER A 227 -17.35 -10.13 -6.25
CA SER A 227 -18.76 -10.50 -6.24
C SER A 227 -19.45 -10.16 -7.55
N SER A 228 -19.12 -8.99 -8.11
CA SER A 228 -19.74 -8.58 -9.37
C SER A 228 -19.34 -9.50 -10.52
N VAL A 229 -18.07 -9.91 -10.54
CA VAL A 229 -17.57 -10.81 -11.56
C VAL A 229 -18.36 -12.13 -11.57
N PHE A 230 -18.46 -12.81 -10.44
CA PHE A 230 -19.24 -14.05 -10.40
C PHE A 230 -20.73 -13.81 -10.73
N THR A 231 -21.28 -12.69 -10.25
CA THR A 231 -22.69 -12.35 -10.48
C THR A 231 -23.04 -12.29 -11.94
N GLY A 232 -22.24 -11.57 -12.71
CA GLY A 232 -22.40 -11.51 -14.15
C GLY A 232 -22.37 -12.90 -14.79
N ILE A 233 -21.39 -13.70 -14.40
CA ILE A 233 -21.29 -15.06 -14.95
C ILE A 233 -22.56 -15.85 -14.66
N VAL A 234 -22.98 -15.83 -13.39
CA VAL A 234 -24.21 -16.53 -12.97
C VAL A 234 -25.43 -16.13 -13.81
N ILE A 235 -25.67 -14.83 -13.89
CA ILE A 235 -26.77 -14.30 -14.67
C ILE A 235 -26.70 -14.75 -16.12
N TRP A 236 -25.55 -14.56 -16.76
CA TRP A 236 -25.44 -14.86 -18.18
C TRP A 236 -25.74 -16.33 -18.47
N PHE A 237 -25.15 -17.23 -17.70
CA PHE A 237 -25.34 -18.64 -18.03
C PHE A 237 -26.69 -19.20 -17.58
N PHE A 238 -27.38 -18.52 -16.68
CA PHE A 238 -28.72 -18.98 -16.31
C PHE A 238 -29.68 -18.55 -17.42
N LEU A 239 -29.32 -17.48 -18.16
CA LEU A 239 -30.23 -17.00 -19.19
C LEU A 239 -29.78 -17.22 -20.65
N GLY A 240 -28.95 -16.34 -21.19
CA GLY A 240 -28.63 -16.43 -22.60
C GLY A 240 -27.56 -17.47 -22.85
N GLY A 241 -26.68 -17.67 -21.88
CA GLY A 241 -25.64 -18.67 -21.97
C GLY A 241 -26.20 -20.08 -22.00
N ALA A 242 -27.40 -20.27 -21.47
CA ALA A 242 -28.08 -21.58 -21.49
C ALA A 242 -27.25 -22.74 -20.90
N ASN A 243 -26.60 -22.49 -19.78
CA ASN A 243 -25.84 -23.54 -19.11
C ASN A 243 -26.01 -23.47 -17.60
N PRO A 244 -27.09 -24.07 -17.08
CA PRO A 244 -27.44 -24.03 -15.64
C PRO A 244 -26.34 -24.61 -14.75
N THR A 245 -25.68 -25.66 -15.20
CA THR A 245 -24.67 -26.29 -14.36
C THR A 245 -23.43 -25.38 -14.21
N ILE A 246 -23.07 -24.66 -15.27
CA ILE A 246 -22.01 -23.67 -15.13
C ILE A 246 -22.48 -22.55 -14.19
N ALA A 247 -23.74 -22.11 -14.35
CA ALA A 247 -24.29 -21.05 -13.51
C ALA A 247 -24.34 -21.45 -12.02
N ILE A 248 -24.70 -22.70 -11.75
CA ILE A 248 -24.73 -23.17 -10.36
C ILE A 248 -23.33 -23.18 -9.77
N LEU A 249 -22.35 -23.71 -10.50
CA LEU A 249 -20.95 -23.72 -10.04
C LEU A 249 -20.42 -22.33 -9.82
N ALA A 250 -20.80 -21.39 -10.69
CA ALA A 250 -20.39 -20.01 -10.51
C ALA A 250 -21.01 -19.43 -9.22
N LEU A 251 -22.29 -19.71 -8.99
CA LEU A 251 -22.97 -19.23 -7.78
C LEU A 251 -22.30 -19.81 -6.51
N ILE A 252 -22.03 -21.11 -6.54
CA ILE A 252 -21.30 -21.73 -5.43
C ILE A 252 -19.94 -21.06 -5.19
N CYS A 253 -19.21 -20.75 -6.27
CA CYS A 253 -17.92 -20.07 -6.07
C CYS A 253 -18.07 -18.67 -5.48
N LEU A 254 -19.14 -17.97 -5.86
CA LEU A 254 -19.43 -16.64 -5.31
C LEU A 254 -19.57 -16.74 -3.80
N VAL A 255 -20.43 -17.65 -3.37
CA VAL A 255 -20.65 -17.84 -1.94
C VAL A 255 -19.37 -18.26 -1.28
N LEU A 256 -18.70 -19.26 -1.85
CA LEU A 256 -17.44 -19.75 -1.25
C LEU A 256 -16.38 -18.64 -1.19
N SER A 257 -16.41 -17.75 -2.18
CA SER A 257 -15.47 -16.66 -2.23
C SER A 257 -15.70 -15.71 -1.05
N SER A 258 -16.97 -15.33 -0.85
N SER A 258 -16.97 -15.34 -0.85
CA SER A 258 -17.38 -14.49 0.28
CA SER A 258 -17.45 -14.51 0.27
C SER A 258 -17.00 -15.09 1.63
C SER A 258 -17.07 -15.08 1.64
N LEU A 259 -17.20 -16.39 1.77
CA LEU A 259 -16.92 -17.09 3.03
C LEU A 259 -15.41 -17.10 3.33
N VAL A 260 -14.58 -17.21 2.27
CA VAL A 260 -13.14 -17.24 2.46
C VAL A 260 -12.65 -15.87 2.95
N SER A 261 -13.24 -14.80 2.41
CA SER A 261 -12.89 -13.45 2.86
C SER A 261 -13.41 -13.17 4.25
N TYR A 262 -14.66 -13.56 4.51
CA TYR A 262 -15.25 -13.26 5.80
C TYR A 262 -14.56 -13.93 6.99
N SER A 263 -14.05 -15.15 6.82
CA SER A 263 -13.34 -15.85 7.89
C SER A 263 -12.16 -15.01 8.39
N LYS A 264 -11.29 -14.58 7.45
CA LYS A 264 -10.13 -13.76 7.79
C LYS A 264 -10.51 -12.40 8.43
N ALA A 265 -11.46 -11.68 7.83
CA ALA A 265 -11.93 -10.39 8.36
C ALA A 265 -12.42 -10.58 9.79
N ARG A 266 -13.28 -11.58 9.97
CA ARG A 266 -13.87 -11.88 11.28
C ARG A 266 -12.85 -12.35 12.33
N ALA A 267 -11.86 -13.14 11.91
CA ALA A 267 -10.77 -13.57 12.78
C ALA A 267 -10.00 -12.37 13.34
N GLU A 268 -9.65 -11.45 12.45
CA GLU A 268 -8.93 -10.24 12.82
C GLU A 268 -9.72 -9.37 13.79
N GLY A 269 -11.04 -9.36 13.64
CA GLY A 269 -11.91 -8.66 14.56
C GLY A 269 -11.74 -9.21 15.96
N LEU A 270 -11.49 -10.51 16.02
CA LEU A 270 -11.31 -11.18 17.30
C LEU A 270 -9.86 -11.06 17.80
N GLY A 271 -8.99 -10.41 17.04
CA GLY A 271 -7.61 -10.26 17.49
C GLY A 271 -6.73 -11.42 17.04
N LEU A 272 -7.35 -12.38 16.35
CA LEU A 272 -6.64 -13.51 15.81
C LEU A 272 -6.17 -13.25 14.38
N THR A 273 -5.56 -14.27 13.78
CA THR A 273 -5.07 -14.12 12.42
C THR A 273 -5.43 -15.33 11.56
N ALA A 274 -5.66 -15.10 10.27
CA ALA A 274 -6.00 -16.20 9.38
C ALA A 274 -5.52 -15.98 7.96
N ASN A 275 -4.29 -15.52 7.78
CA ASN A 275 -3.75 -15.37 6.44
C ASN A 275 -3.06 -16.65 5.98
N VAL A 276 -3.84 -17.55 5.37
CA VAL A 276 -3.36 -18.85 4.90
C VAL A 276 -4.32 -19.32 3.82
N GLY A 277 -4.04 -20.50 3.28
CA GLY A 277 -4.84 -21.14 2.25
C GLY A 277 -4.27 -21.13 0.85
N ILE A 278 -4.59 -22.17 0.08
CA ILE A 278 -4.11 -22.30 -1.29
C ILE A 278 -4.72 -21.26 -2.24
N ALA A 279 -5.95 -20.86 -1.97
CA ALA A 279 -6.66 -19.94 -2.85
C ALA A 279 -6.45 -18.52 -2.37
N GLU A 280 -5.92 -17.70 -3.25
CA GLU A 280 -5.72 -16.29 -2.95
C GLU A 280 -6.61 -15.51 -3.88
N ARG A 281 -7.04 -14.33 -3.44
CA ARG A 281 -8.03 -13.56 -4.18
C ARG A 281 -7.63 -13.22 -5.62
N SER A 282 -6.41 -12.74 -5.84
CA SER A 282 -5.98 -12.41 -7.19
C SER A 282 -5.86 -13.66 -8.08
N GLU A 283 -5.40 -14.75 -7.49
CA GLU A 283 -5.21 -15.98 -8.22
C GLU A 283 -6.56 -16.54 -8.64
N ARG A 284 -7.50 -16.58 -7.71
CA ARG A 284 -8.88 -16.93 -8.02
C ARG A 284 -9.40 -16.07 -9.18
N LEU A 285 -9.23 -14.75 -9.08
CA LEU A 285 -9.62 -13.84 -10.16
C LEU A 285 -9.02 -14.18 -11.54
N VAL A 286 -7.74 -14.47 -11.57
CA VAL A 286 -7.03 -14.68 -12.81
C VAL A 286 -7.58 -15.89 -13.58
N VAL A 287 -7.68 -17.04 -12.93
CA VAL A 287 -8.13 -18.24 -13.62
C VAL A 287 -9.55 -18.07 -14.16
N VAL A 288 -10.41 -17.45 -13.37
CA VAL A 288 -11.80 -17.22 -13.80
C VAL A 288 -11.83 -16.31 -15.04
N LEU A 289 -11.09 -15.22 -14.98
CA LEU A 289 -11.07 -14.28 -16.08
C LEU A 289 -10.51 -14.89 -17.36
N VAL A 290 -9.42 -15.67 -17.23
CA VAL A 290 -8.83 -16.30 -18.40
C VAL A 290 -9.82 -17.28 -19.06
N ALA A 291 -10.45 -18.13 -18.25
CA ALA A 291 -11.40 -19.09 -18.78
C ALA A 291 -12.58 -18.42 -19.45
N THR A 292 -13.15 -17.43 -18.77
CA THR A 292 -14.31 -16.73 -19.31
C THR A 292 -13.96 -16.02 -20.60
N GLY A 293 -12.78 -15.41 -20.64
CA GLY A 293 -12.36 -14.73 -21.85
C GLY A 293 -12.24 -15.74 -22.99
N LEU A 294 -11.63 -16.88 -22.69
CA LEU A 294 -11.50 -17.96 -23.67
C LEU A 294 -12.87 -18.39 -24.19
N VAL A 295 -13.84 -18.62 -23.29
CA VAL A 295 -15.18 -19.01 -23.72
C VAL A 295 -15.77 -17.90 -24.59
N GLY A 296 -15.46 -16.65 -24.26
CA GLY A 296 -15.91 -15.55 -25.09
C GLY A 296 -15.30 -15.54 -26.49
N LEU A 297 -14.18 -16.25 -26.66
CA LEU A 297 -13.51 -16.40 -27.97
C LEU A 297 -13.92 -17.66 -28.72
N GLY A 298 -14.86 -18.42 -28.16
CA GLY A 298 -15.37 -19.57 -28.85
C GLY A 298 -14.86 -20.91 -28.32
N ILE A 299 -14.06 -20.88 -27.27
CA ILE A 299 -13.61 -22.12 -26.64
C ILE A 299 -14.80 -22.82 -25.99
N PRO A 300 -14.87 -24.16 -26.10
CA PRO A 300 -15.93 -24.96 -25.46
C PRO A 300 -16.15 -24.63 -23.98
N SER A 301 -17.41 -24.49 -23.57
CA SER A 301 -17.70 -23.94 -22.25
C SER A 301 -17.29 -24.90 -21.11
N TRP A 302 -16.97 -26.16 -21.45
CA TRP A 302 -16.63 -27.11 -20.39
C TRP A 302 -15.31 -26.72 -19.70
N VAL A 303 -14.49 -25.94 -20.40
CA VAL A 303 -13.24 -25.40 -19.86
C VAL A 303 -13.56 -24.55 -18.65
N LEU A 304 -14.57 -23.68 -18.77
CA LEU A 304 -15.03 -22.88 -17.64
C LEU A 304 -15.63 -23.74 -16.52
N LEU A 305 -16.35 -24.79 -16.89
CA LEU A 305 -16.97 -25.67 -15.90
C LEU A 305 -15.90 -26.30 -15.00
N VAL A 306 -14.86 -26.85 -15.64
CA VAL A 306 -13.75 -27.50 -14.93
C VAL A 306 -13.08 -26.51 -14.00
N VAL A 307 -12.80 -25.33 -14.50
CA VAL A 307 -12.12 -24.33 -13.71
C VAL A 307 -12.96 -23.92 -12.48
N LEU A 308 -14.28 -23.88 -12.63
CA LEU A 308 -15.15 -23.49 -11.52
C LEU A 308 -15.18 -24.58 -10.46
N ILE A 309 -15.17 -25.83 -10.91
CA ILE A 309 -15.12 -26.94 -9.98
C ILE A 309 -13.84 -26.91 -9.14
N VAL A 310 -12.70 -26.78 -9.81
CA VAL A 310 -11.40 -26.74 -9.15
C VAL A 310 -11.34 -25.56 -8.18
N LEU A 311 -11.87 -24.41 -8.61
CA LEU A 311 -11.96 -23.24 -7.76
C LEU A 311 -12.88 -23.47 -6.52
N ALA A 312 -14.00 -24.16 -6.72
CA ALA A 312 -14.88 -24.49 -5.60
C ALA A 312 -14.10 -25.31 -4.57
N ILE A 313 -13.45 -26.38 -5.05
CA ILE A 313 -12.69 -27.26 -4.16
C ILE A 313 -11.56 -26.55 -3.43
N ALA A 314 -10.80 -25.74 -4.15
CA ALA A 314 -9.71 -24.94 -3.57
C ALA A 314 -10.24 -23.97 -2.50
N SER A 315 -11.41 -23.35 -2.74
CA SER A 315 -12.03 -22.47 -1.75
C SER A 315 -12.43 -23.24 -0.50
N VAL A 316 -12.98 -24.43 -0.69
CA VAL A 316 -13.38 -25.24 0.46
C VAL A 316 -12.17 -25.56 1.34
N VAL A 317 -11.08 -26.09 0.76
CA VAL A 317 -9.94 -26.43 1.61
C VAL A 317 -9.34 -25.17 2.24
N THR A 318 -9.43 -24.03 1.56
CA THR A 318 -8.94 -22.76 2.12
C THR A 318 -9.74 -22.37 3.36
N ILE A 319 -11.07 -22.45 3.25
CA ILE A 319 -11.95 -22.21 4.38
C ILE A 319 -11.54 -23.09 5.56
N PHE A 320 -11.35 -24.38 5.30
CA PHE A 320 -10.92 -25.33 6.32
C PHE A 320 -9.59 -24.88 6.96
N GLN A 321 -8.64 -24.48 6.12
CA GLN A 321 -7.36 -24.03 6.63
C GLN A 321 -7.57 -22.85 7.59
N ARG A 322 -8.32 -21.84 7.15
CA ARG A 322 -8.53 -20.66 7.99
C ARG A 322 -9.30 -20.94 9.27
N VAL A 323 -10.40 -21.68 9.16
CA VAL A 323 -11.22 -22.03 10.33
C VAL A 323 -10.41 -22.85 11.34
N LEU A 324 -9.58 -23.76 10.83
CA LEU A 324 -8.73 -24.58 11.69
C LEU A 324 -7.70 -23.75 12.47
N THR A 325 -7.03 -22.83 11.79
CA THR A 325 -5.98 -22.08 12.46
C THR A 325 -6.58 -21.07 13.45
N VAL A 326 -7.76 -20.51 13.16
CA VAL A 326 -8.32 -19.58 14.14
C VAL A 326 -8.73 -20.37 15.38
N ARG A 327 -9.13 -21.62 15.18
CA ARG A 327 -9.49 -22.49 16.30
C ARG A 327 -8.28 -22.75 17.18
N GLU A 328 -7.15 -23.10 16.58
CA GLU A 328 -5.92 -23.35 17.35
C GLU A 328 -5.54 -22.10 18.15
N GLN A 329 -5.56 -20.95 17.49
CA GLN A 329 -5.26 -19.69 18.15
C GLN A 329 -6.22 -19.37 19.31
N ALA A 330 -7.53 -19.51 19.05
CA ALA A 330 -8.55 -19.19 20.03
C ALA A 330 -8.43 -20.10 21.27
N LYS A 331 -8.37 -21.41 21.04
CA LYS A 331 -8.26 -22.38 22.12
C LYS A 331 -6.95 -22.24 22.91
N ALA A 332 -5.89 -21.78 22.25
CA ALA A 332 -4.61 -21.59 22.91
C ALA A 332 -4.62 -20.30 23.73
N TRP A 333 -5.38 -19.33 23.26
CA TRP A 333 -5.46 -18.05 23.93
C TRP A 333 -6.28 -18.16 25.21
N THR A 334 -7.33 -18.98 25.19
CA THR A 334 -8.16 -19.18 26.39
C THR A 334 -7.41 -19.96 27.47
N ALA A 335 -6.41 -20.73 27.07
CA ALA A 335 -5.60 -21.51 28.02
C ALA A 335 -4.16 -20.98 28.13
S SO4 B . -8.86 -12.97 0.96
O1 SO4 B . -8.63 -11.52 1.03
O2 SO4 B . -9.22 -13.44 2.28
O3 SO4 B . -7.63 -13.65 0.57
O4 SO4 B . -9.91 -13.25 -0.02
S SO4 C . -20.33 -25.20 -25.79
O1 SO4 C . -19.12 -25.98 -25.64
O2 SO4 C . -20.05 -23.81 -25.40
O3 SO4 C . -21.37 -25.79 -24.94
O4 SO4 C . -20.80 -25.23 -27.17
C11 8K6 D . -19.21 -4.20 -27.69
C12 8K6 D . -20.39 -4.78 -28.46
C13 8K6 D . -21.71 -4.50 -27.74
C14 8K6 D . -22.89 -4.60 -28.73
C15 8K6 D . -23.35 -6.07 -28.87
C16 8K6 D . -24.84 -6.15 -29.25
C17 8K6 D . -25.23 -7.60 -29.53
C11 8K6 E . -18.00 3.98 -1.29
C12 8K6 E . -17.39 5.26 -1.89
C13 8K6 E . -16.84 6.15 -0.78
C14 8K6 E . -16.07 7.34 -1.36
C15 8K6 E . -15.48 8.22 -0.25
C16 8K6 E . -14.25 8.97 -0.77
C17 8K6 E . -13.38 9.47 0.39
C11 8K6 F . -27.85 -29.29 -13.88
C12 8K6 F . -27.47 -29.58 -12.41
C13 8K6 F . -26.16 -28.91 -11.99
C14 8K6 F . -25.78 -29.30 -10.55
C15 8K6 F . -24.27 -29.39 -10.36
C16 8K6 F . -23.81 -28.49 -9.21
C17 8K6 F . -22.95 -29.27 -8.20
C11 8K6 G . -10.76 1.94 -20.65
C12 8K6 G . -10.78 1.08 -21.91
C13 8K6 G . -11.30 -0.33 -21.66
C14 8K6 G . -11.18 -1.18 -22.92
C15 8K6 G . -12.38 -0.94 -23.86
C16 8K6 G . -12.72 -2.22 -24.64
C17 8K6 G . -14.07 -2.12 -25.35
MG MG H . -6.74 -4.12 -3.56
C11 8K6 I . -15.92 0.95 -21.71
C12 8K6 I . -15.46 0.99 -20.25
C13 8K6 I . -16.43 1.80 -19.37
C14 8K6 I . -15.91 1.85 -17.92
C15 8K6 I . -16.33 3.14 -17.19
C16 8K6 I . -15.54 3.34 -15.89
C17 8K6 I . -16.00 4.60 -15.14
C11 8K6 J . -22.64 0.07 -2.56
C12 8K6 J . -21.98 -1.17 -3.17
C13 8K6 J . -23.08 -2.14 -3.65
C14 8K6 J . -22.49 -3.08 -4.71
C15 8K6 J . -23.59 -3.76 -5.53
C16 8K6 J . -23.02 -4.92 -6.35
C17 8K6 J . -24.15 -5.81 -6.86
C11 8K6 K . -9.01 18.56 -7.89
C12 8K6 K . -8.69 18.46 -9.38
C13 8K6 K . -9.15 17.09 -9.91
C14 8K6 K . -8.85 16.98 -11.40
C15 8K6 K . -9.23 15.59 -11.90
C16 8K6 K . -8.94 15.43 -13.40
C17 8K6 K . -9.31 14.02 -13.89
C11 8K6 L . -18.53 17.46 -8.71
C12 8K6 L . -18.12 18.72 -7.93
C13 8K6 L . -18.83 18.79 -6.57
C14 8K6 L . -18.95 20.24 -6.11
C15 8K6 L . -19.94 20.40 -4.95
C16 8K6 L . -20.03 21.87 -4.54
C17 8K6 L . -20.94 22.01 -3.32
C11 8K6 M . -11.78 -1.78 -29.31
C12 8K6 M . -10.61 -1.48 -28.37
C13 8K6 M . -10.60 0.00 -27.99
C14 8K6 M . -9.41 0.30 -27.06
C15 8K6 M . -9.45 1.78 -26.65
C16 8K6 M . -8.22 2.17 -25.84
C17 8K6 M . -8.44 3.54 -25.23
C11 8K6 N . -10.36 -30.96 3.34
C12 8K6 N . -9.36 -30.97 4.50
C13 8K6 N . -8.61 -29.64 4.66
C14 8K6 N . -7.31 -29.85 5.44
C15 8K6 N . -6.62 -28.51 5.76
C16 8K6 N . -5.66 -28.64 6.93
C17 8K6 N . -5.08 -27.28 7.29
C11 8K6 O . -9.88 15.39 -5.70
C12 8K6 O . -9.90 14.05 -6.46
C13 8K6 O . -10.33 14.31 -7.89
C14 8K6 O . -11.27 13.19 -8.34
C15 8K6 O . -11.20 12.99 -9.86
C16 8K6 O . -11.71 11.59 -10.21
C17 8K6 O . -11.19 11.13 -11.57
C11 8K6 P . -5.82 -7.10 -21.51
C12 8K6 P . -6.46 -8.11 -22.48
C13 8K6 P . -6.88 -9.37 -21.73
C14 8K6 P . -7.66 -10.35 -22.62
C15 8K6 P . -8.14 -11.54 -21.81
C16 8K6 P . -8.68 -12.64 -22.73
C17 8K6 P . -8.44 -14.03 -22.16
C11 8K6 Q . -3.04 11.66 -21.81
C12 8K6 Q . -2.56 12.97 -21.16
C13 8K6 Q . -1.09 12.88 -20.76
C14 8K6 Q . -0.56 14.17 -20.13
C15 8K6 Q . 0.85 13.94 -19.56
C16 8K6 Q . 1.35 15.20 -18.83
C17 8K6 Q . 2.55 14.88 -17.93
C11 8K6 R . -5.53 -31.81 0.27
C12 8K6 R . -5.35 -30.64 -0.70
C13 8K6 R . -5.77 -31.08 -2.10
C14 8K6 R . -5.70 -29.90 -3.06
C15 8K6 R . -7.00 -29.83 -3.87
C16 8K6 R . -7.01 -28.68 -4.88
C17 8K6 R . -7.81 -29.08 -6.12
C11 8K6 S . -5.08 -27.76 -8.92
C12 8K6 S . -4.73 -27.46 -7.46
C13 8K6 S . -5.59 -26.30 -6.95
C14 8K6 S . -4.79 -25.00 -6.84
C15 8K6 S . -5.27 -24.03 -7.91
C16 8K6 S . -5.80 -22.71 -7.32
C17 8K6 S . -6.91 -22.15 -8.23
C11 8K6 T . -25.50 3.20 -30.83
C12 8K6 T . -24.85 3.97 -29.67
C13 8K6 T . -23.60 3.26 -29.15
C14 8K6 T . -22.98 4.11 -28.03
C15 8K6 T . -21.71 3.45 -27.48
C16 8K6 T . -21.07 4.34 -26.40
C17 8K6 T . -20.05 3.52 -25.60
C11 8K6 U . -23.10 0.48 -35.88
C12 8K6 U . -22.85 0.40 -34.38
C13 8K6 U . -21.36 0.63 -34.11
C14 8K6 U . -21.05 0.61 -32.61
C15 8K6 U . -19.53 0.65 -32.46
C16 8K6 U . -19.16 1.07 -31.04
C17 8K6 U . -17.92 1.95 -31.09
C11 8K6 V . -31.56 -0.65 -18.56
C12 8K6 V . -30.39 0.32 -18.42
C13 8K6 V . -30.47 1.02 -17.07
C14 8K6 V . -29.81 2.39 -17.18
C15 8K6 V . -30.00 3.16 -15.87
C16 8K6 V . -29.61 4.61 -16.07
C17 8K6 V . -29.42 5.28 -14.72
C11 8K6 W . -26.58 9.14 -19.82
C12 8K6 W . -27.49 8.28 -20.70
C13 8K6 W . -27.55 6.86 -20.15
C14 8K6 W . -28.28 5.96 -21.14
C15 8K6 W . -28.26 4.51 -20.63
C16 8K6 W . -29.20 3.68 -21.49
C17 8K6 W . -29.16 2.22 -21.04
C11 8K6 X . -21.14 8.67 -10.09
C12 8K6 X . -20.92 9.37 -11.43
C13 8K6 X . -21.44 8.50 -12.58
C14 8K6 X . -21.23 9.20 -13.93
C15 8K6 X . -21.56 8.24 -15.08
C16 8K6 X . -21.38 8.93 -16.43
C17 8K6 X . -21.69 7.95 -17.57
C11 8K6 Y . -6.70 -12.79 -18.97
C12 8K6 Y . -5.71 -12.04 -18.08
C13 8K6 Y . -6.30 -11.83 -16.69
C14 8K6 Y . -5.30 -11.09 -15.81
C15 8K6 Y . -5.90 -10.77 -14.44
C16 8K6 Y . -4.94 -9.84 -13.69
C17 8K6 Y . -5.29 -9.81 -12.19
C11 8K6 Z . -12.69 4.76 -23.67
C12 8K6 Z . -13.69 3.76 -24.28
C13 8K6 Z . -13.24 3.37 -25.68
C14 8K6 Z . -14.40 2.66 -26.40
C15 8K6 Z . -14.03 2.39 -27.86
C16 8K6 Z . -15.29 2.09 -28.66
C17 8K6 Z . -15.44 0.59 -28.88
C11 8K6 AA . -9.74 5.36 -17.95
C12 8K6 AA . -11.17 5.92 -17.94
C13 8K6 AA . -11.29 7.08 -16.94
C14 8K6 AA . -12.71 7.65 -16.99
C15 8K6 AA . -12.85 8.76 -15.94
C16 8K6 AA . -14.31 9.14 -15.72
C17 8K6 AA . -14.41 10.20 -14.61
C11 8K6 BA . -7.53 2.48 -14.89
C12 8K6 BA . -7.42 3.50 -13.76
C13 8K6 BA . -7.83 4.87 -14.31
C14 8K6 BA . -7.71 5.93 -13.22
C15 8K6 BA . -8.31 7.24 -13.76
C16 8K6 BA . -8.37 8.29 -12.65
C17 8K6 BA . -8.58 9.66 -13.30
C11 8K6 CA . -27.62 8.56 -13.12
C12 8K6 CA . -26.33 9.32 -13.42
C13 8K6 CA . -26.06 10.34 -12.32
C14 8K6 CA . -24.83 11.17 -12.67
C15 8K6 CA . -24.37 11.92 -11.42
C16 8K6 CA . -23.13 12.75 -11.76
C17 8K6 CA . -22.52 13.30 -10.47
S SO4 DA . -6.21 7.48 4.94
O1 SO4 DA . -4.91 8.12 5.01
O2 SO4 DA . -6.90 7.66 6.22
O3 SO4 DA . -6.05 6.05 4.70
O4 SO4 DA . -7.00 8.09 3.86
S SO4 EA . 6.45 -1.58 1.40
O1 SO4 EA . 7.07 -0.96 2.57
O2 SO4 EA . 7.28 -1.33 0.22
O3 SO4 EA . 5.12 -1.00 1.20
O4 SO4 EA . 6.32 -3.01 1.62
C1 8K6 FA . -20.56 12.57 -16.10
C2 8K6 FA . -19.34 13.23 -15.46
C3 8K6 FA . -18.05 12.49 -15.87
C4 8K6 FA . -16.82 13.36 -15.57
C5 8K6 FA . -16.66 13.55 -14.06
C6 8K6 FA . -15.47 14.47 -13.78
C7 8K6 FA . -15.40 14.79 -12.28
C8 8K6 FA . -14.39 15.91 -12.04
C9 8K6 FA . -14.29 16.22 -10.55
C10 8K6 FA . -13.42 17.47 -10.30
C11 8K6 FA . -13.68 18.02 -8.89
C12 8K6 FA . -12.63 19.07 -8.52
C1 8K6 GA . -8.98 12.91 -0.35
C2 8K6 GA . -9.93 11.78 -0.72
C3 8K6 GA . -10.85 12.30 -1.82
C4 8K6 GA . -11.66 11.14 -2.42
C5 8K6 GA . -12.47 11.58 -3.66
C6 8K6 GA . -13.35 10.43 -4.18
C7 8K6 GA . -13.99 10.86 -5.50
C8 8K6 GA . -14.36 9.64 -6.36
C9 8K6 GA . -14.35 10.04 -7.84
C10 8K6 GA . -15.26 9.11 -8.64
C11 8K6 GA . -15.59 9.70 -10.03
C12 8K6 GA . -16.52 8.74 -10.80
C1 8K6 HA . -26.11 0.48 -20.47
C2 8K6 HA . -26.64 -0.90 -20.85
C3 8K6 HA . -27.09 -1.00 -22.33
C4 8K6 HA . -27.79 -2.34 -22.58
C5 8K6 HA . -28.20 -2.56 -24.04
C6 8K6 HA . -28.61 -4.03 -24.25
C7 8K6 HA . -28.57 -4.40 -25.75
C8 8K6 HA . -28.65 -5.92 -25.94
C2 8K6 IA . -21.30 1.76 -13.51
C3 8K6 IA . -21.41 0.36 -14.12
C4 8K6 IA . -22.36 -0.52 -13.30
C5 8K6 IA . -23.70 -0.71 -14.02
C6 8K6 IA . -24.46 -1.93 -13.47
C7 8K6 IA . -25.98 -1.77 -13.63
C8 8K6 IA . -26.37 -1.62 -15.10
C9 8K6 IA . -27.39 -2.70 -15.53
C10 8K6 IA . -27.43 -2.87 -17.05
C11 8K6 IA . -27.66 -4.34 -17.41
C12 8K6 IA . -27.71 -4.54 -18.93
C13 8K6 IA . -27.83 -6.03 -19.30
C14 8K6 IA . -28.36 -6.18 -20.73
C15 8K6 IA . -28.59 -7.65 -21.08
C16 8K6 IA . -29.18 -7.74 -22.50
C17 8K6 IA . -29.66 -9.16 -22.79
C2 8K6 JA . -33.28 -11.31 -20.52
C3 8K6 JA . -32.09 -10.37 -20.34
C4 8K6 JA . -31.94 -10.07 -18.85
C5 8K6 JA . -30.61 -9.35 -18.58
C6 8K6 JA . -30.38 -9.32 -17.07
C7 8K6 JA . -30.06 -7.89 -16.62
C8 8K6 JA . -29.80 -7.89 -15.11
C9 8K6 JA . -28.50 -7.15 -14.79
C10 8K6 JA . -28.37 -6.98 -13.27
C11 8K6 JA . -27.85 -5.59 -12.92
C12 8K6 JA . -27.09 -5.60 -11.60
C13 8K6 JA . -27.18 -4.21 -10.98
C14 8K6 JA . -26.11 -3.97 -9.91
C15 8K6 JA . -25.59 -2.54 -10.07
C16 8K6 JA . -25.39 -1.85 -8.70
C17 8K6 JA . -24.99 -0.38 -8.90
C1 8K6 KA . -19.30 18.94 -14.81
C2 8K6 KA . -18.60 20.08 -14.08
C3 8K6 KA . -17.30 19.60 -13.43
C4 8K6 KA . -16.36 20.79 -13.21
C5 8K6 KA . -16.01 20.96 -11.73
C6 8K6 KA . -14.96 22.06 -11.53
C7 8K6 KA . -14.89 22.41 -10.04
C8 8K6 KA . -14.02 23.65 -9.78
C9 8K6 KA . -14.20 24.11 -8.33
C10 8K6 KA . -13.60 25.50 -8.15
C1 8K6 LA . -11.43 -32.42 -11.97
C2 8K6 LA . -12.92 -32.14 -11.84
C3 8K6 LA . -13.74 -33.16 -12.63
C4 8K6 LA . -14.09 -32.63 -14.02
C5 8K6 LA . -15.42 -33.19 -14.54
C6 8K6 LA . -16.01 -32.24 -15.58
C7 8K6 LA . -16.67 -33.02 -16.72
C8 8K6 LA . -17.08 -32.06 -17.84
C9 8K6 LA . -17.78 -32.82 -18.96
C10 8K6 LA . -18.62 -31.84 -19.79
C1 8K6 MA . -29.43 1.00 -29.92
C2 8K6 MA . -28.90 0.75 -28.51
C3 8K6 MA . -27.84 1.80 -28.16
C4 8K6 MA . -27.30 1.60 -26.72
C5 8K6 MA . -26.53 2.85 -26.30
C6 8K6 MA . -25.92 2.74 -24.90
C7 8K6 MA . -24.95 3.92 -24.70
C8 8K6 MA . -24.31 3.93 -23.31
C9 8K6 MA . -23.30 5.09 -23.20
C10 8K6 MA . -23.67 6.03 -22.05
C11 8K6 MA . -23.11 7.43 -22.31
C1 8K6 NA . -26.32 -1.87 -28.07
C2 8K6 NA . -25.35 -2.29 -26.97
C3 8K6 NA . -24.72 -1.05 -26.32
C4 8K6 NA . -23.79 -1.46 -25.17
C5 8K6 NA . -23.01 -0.24 -24.66
C6 8K6 NA . -22.57 -0.44 -23.21
C7 8K6 NA . -22.00 0.88 -22.67
C8 8K6 NA . -21.56 0.74 -21.22
C9 8K6 NA . -20.96 2.06 -20.76
C10 8K6 NA . -20.76 2.07 -19.24
C11 8K6 NA . -20.38 3.48 -18.77
C1 8K6 OA . -9.26 13.94 -20.58
C2 8K6 OA . -8.51 15.24 -20.27
C3 8K6 OA . -8.04 15.28 -18.81
C4 8K6 OA . -7.79 16.73 -18.40
C5 8K6 OA . -7.54 16.86 -16.90
C6 8K6 OA . -7.23 18.31 -16.53
C7 8K6 OA . -6.93 18.44 -15.02
C8 8K6 OA . -6.30 19.79 -14.69
C9 8K6 OA . -6.59 20.10 -13.20
C10 8K6 OA . -5.40 20.84 -12.56
C11 8K6 OA . -5.74 21.20 -11.11
#